data_8JIH
#
_entry.id   8JIH
#
_entity_poly.entity_id   1
_entity_poly.type   'polydeoxyribonucleotide'
_entity_poly.pdbx_seq_one_letter_code
;(DT)(DA)(DG)(DG)(DG)(DT)(DT)(DA)(DG)(DG)(DG)(DT)(DT)(DA)(DG)(DG)(DG)(DT)(DT)(DA)
(DG)(DG)
;
_entity_poly.pdbx_strand_id   A
#
loop_
_chem_comp.id
_chem_comp.type
_chem_comp.name
_chem_comp.formula
DA DNA linking 2'-DEOXYADENOSINE-5'-MONOPHOSPHATE 'C10 H14 N5 O6 P'
DG DNA linking 2'-DEOXYGUANOSINE-5'-MONOPHOSPHATE 'C10 H14 N5 O7 P'
DT DNA linking THYMIDINE-5'-MONOPHOSPHATE 'C10 H15 N2 O8 P'
#